data_4CAU
#
_entry.id   4CAU
#
_cell.length_a   1.000
_cell.length_b   1.000
_cell.length_c   1.000
_cell.angle_alpha   90.00
_cell.angle_beta   90.00
_cell.angle_gamma   90.00
#
_symmetry.space_group_name_H-M   'P 1'
#
loop_
_entity.id
_entity.type
_entity.pdbx_description
1 polymer 'ENVELOPE PROTEIN E'
2 polymer 'FAB 14C10'
#
loop_
_entity_poly.entity_id
_entity_poly.type
_entity_poly.pdbx_seq_one_letter_code
_entity_poly.pdbx_strand_id
1 'polypeptide(L)'
;MRCVGIGNRDFVEGLSGATWVDVVLEHGSCVTTMAKDKPTLDIELLKTEVTNPAVLRKLCIEAKISNTTTDSRCPTQGEA
TLVEEQDANFVCRRTFVDRGWGNGCGLFGKGSLLTCAKFKCVTKLEGKIVQYENLKYSVIVTVHTGDQHQVGNETTEHGT
IATITPQAPTSEIQLTDYGALTLDCSPRTGLDFNEMVLLTMKEKSWLVHKQWFLDLPLPWTSGASTSQETWNRQDLLVTF
KTAHAKKQEAVVLGSQEGAMHTALTGATEIQTSGTTTIFAGHLKCRLKMDKLTLKGISYVMCTGSFKLEKEVAETQHGTV
LVQVKYEGTDAPCKIPFSSQDEKGVTQNGRLVTANPIVTDKEKPVNIEAEPPFGESYIVVGAGEKALKLSWFKKGSSIGK
;
A,B,C
2 'polypeptide(L)'
;EVQLVESGGGVVQPGRSLRLSCAASGFSFSSYGMHWVRQAPGKGLEWVAVIWYDGSKTYYGDSVKGRFTISKDNSKKMVN
LQMDSLGVEDTAFYYCARGIAGGWAFWGIDLWGQGTLVTVSSDVVMTQSPGTLSLSPGERATLSCRASQNVYSYLGWYQH
KPGRSPRLLIFGVTSRATGVPDRFSGSGSGTDFTLTISRLEPEDFAVYYCQQYAGSAYTFGQGTKVEIKR
;
D,E
#
# COMPACT_ATOMS: atom_id res chain seq x y z
CA MET A 1 31.87 54.56 -24.36
CA ARG A 2 30.03 51.27 -23.94
CA CYS A 3 26.94 50.24 -26.01
CA VAL A 4 26.52 48.39 -29.38
CA GLY A 5 24.54 49.89 -32.34
CA ILE A 6 22.12 48.07 -34.67
CA GLY A 7 23.04 46.54 -38.01
CA ASN A 8 21.47 47.27 -41.34
CA ARG A 9 19.33 44.20 -41.51
CA ASP A 10 17.21 44.41 -38.38
CA PHE A 11 14.70 47.10 -38.68
CA VAL A 12 12.38 48.12 -41.44
CA GLU A 13 10.92 51.47 -42.41
CA GLY A 14 7.59 51.42 -44.27
CA LEU A 15 6.46 54.10 -46.67
CA SER A 16 3.66 54.31 -44.17
CA GLY A 17 3.11 52.84 -40.78
CA ALA A 18 6.35 52.81 -38.93
CA THR A 19 9.66 51.56 -37.91
CA TRP A 20 9.85 48.08 -36.57
CA VAL A 21 13.19 47.01 -35.32
CA ASP A 22 14.45 43.73 -33.95
CA VAL A 23 16.48 43.50 -30.75
CA VAL A 24 17.99 40.79 -28.62
CA LEU A 25 19.08 42.41 -25.37
CA GLU A 26 21.20 39.96 -23.41
CA HIS A 27 22.33 39.59 -19.79
CA GLY A 28 25.14 42.11 -19.68
CA SER A 29 24.81 43.92 -23.01
CA CYS A 30 23.14 47.09 -24.15
CA VAL A 31 21.99 47.90 -27.72
CA THR A 32 22.21 51.33 -29.37
CA THR A 33 20.86 53.51 -32.30
CA MET A 34 19.75 56.92 -33.61
CA ALA A 35 18.48 58.87 -36.61
CA LYS A 36 19.40 62.25 -38.08
CA ASP A 37 19.75 65.11 -35.62
CA LYS A 38 18.00 62.91 -33.11
CA PRO A 39 19.74 62.06 -29.85
CA THR A 40 21.14 58.55 -29.36
CA LEU A 41 19.26 55.50 -28.01
CA ASP A 42 20.29 52.93 -25.43
CA ILE A 43 18.46 49.78 -24.69
CA GLU A 44 19.54 47.74 -21.82
CA LEU A 45 18.32 44.72 -20.02
CA LEU A 46 18.07 45.76 -16.42
CA LYS A 47 17.66 42.34 -14.97
CA THR A 48 15.78 39.15 -14.85
CA GLU A 49 13.92 37.71 -12.23
CA VAL A 50 11.56 35.62 -10.33
CA THR A 51 9.62 37.04 -7.58
CA ASN A 52 5.74 35.68 -2.72
CA PRO A 53 5.91 29.33 -4.99
CA ALA A 54 4.73 25.36 -4.35
CA VAL A 55 6.85 23.03 -2.24
CA LEU A 56 7.87 20.16 -4.45
CA ARG A 57 9.92 17.89 -2.28
CA LYS A 58 11.26 18.44 1.19
CA LEU A 59 14.51 16.69 1.93
CA CYS A 60 16.14 15.89 5.20
CA ILE A 61 19.86 16.62 5.12
CA GLU A 62 20.30 16.12 8.83
CA ALA A 63 18.20 14.18 11.43
CA LYS A 64 18.48 12.81 15.02
CA ILE A 65 17.37 9.46 16.56
CA SER A 66 15.20 8.97 19.62
CA ASN A 67 13.60 6.42 21.91
CA THR A 68 15.63 3.46 20.72
CA THR A 69 14.24 0.00 21.45
CA THR A 70 15.04 -3.60 20.62
CA ASP A 71 13.60 -7.06 21.25
CA SER A 72 15.61 -10.18 20.41
CA ARG A 73 14.81 -13.89 20.87
CA CYS A 74 16.67 -17.09 21.43
CA PRO A 75 16.68 -19.86 18.87
CA THR A 76 13.30 -21.64 18.82
CA GLN A 77 11.69 -18.47 19.95
CA GLY A 78 10.77 -17.19 16.52
CA GLU A 79 11.13 -13.66 15.13
CA ALA A 80 11.60 -10.78 17.52
CA THR A 81 8.87 -8.19 17.29
CA LEU A 82 7.87 -4.62 17.93
CA VAL A 83 4.64 -2.70 17.23
CA GLU A 84 6.83 0.06 15.91
CA GLU A 85 7.39 -1.92 12.75
CA GLN A 86 4.17 -0.25 11.62
CA ASP A 87 4.95 3.45 12.37
CA ALA A 88 6.91 5.26 9.73
CA ASN A 89 8.55 7.29 12.45
CA PHE A 90 11.08 4.64 13.24
CA VAL A 91 13.70 3.04 11.16
CA CYS A 92 14.14 -0.53 12.33
CA ARG A 93 16.45 -3.28 11.35
CA ARG A 94 15.82 -7.03 11.66
CA THR A 95 18.86 -9.14 11.67
CA PHE A 96 19.75 -12.50 13.09
CA VAL A 97 22.25 -12.75 15.95
CA ASP A 98 24.11 -15.33 18.06
CA ARG A 99 22.93 -16.42 21.55
CA GLY A 100 25.04 -18.58 23.93
CA TRP A 101 25.26 -18.86 27.68
CA GLY A 102 26.87 -15.57 26.79
CA ASN A 103 23.62 -13.70 27.35
CA GLY A 104 21.16 -15.88 29.27
CA CYS A 105 20.38 -18.29 26.42
CA GLY A 106 20.44 -22.02 27.22
CA LEU A 107 21.28 -23.34 23.79
CA PHE A 108 23.67 -22.55 20.99
CA GLY A 109 22.46 -21.01 17.78
CA LYS A 110 21.32 -17.86 16.05
CA GLY A 111 18.43 -15.80 17.46
CA SER A 112 16.03 -13.44 15.69
CA LEU A 113 16.40 -9.90 16.81
CA LEU A 114 14.91 -6.57 15.65
CA THR A 115 15.63 -2.99 16.76
CA CYS A 116 14.13 0.51 16.13
CA ALA A 117 14.50 4.21 16.73
CA LYS A 118 12.44 7.36 16.18
CA PHE A 119 13.74 9.21 13.16
CA LYS A 120 13.50 12.97 13.56
CA CYS A 121 14.88 15.29 10.99
CA VAL A 122 16.33 18.56 12.22
CA THR A 123 17.60 20.32 9.08
CA LYS A 124 15.36 20.19 5.96
CA LEU A 125 16.16 21.65 2.55
CA GLU A 126 13.38 22.52 0.09
CA GLY A 127 12.89 22.07 -3.61
CA LYS A 128 10.15 24.34 -5.00
CA ILE A 129 8.43 24.91 -8.28
CA VAL A 130 7.14 27.86 -10.21
CA GLN A 131 2.86 28.05 -12.42
CA TYR A 132 4.12 30.08 -10.55
CA GLU A 133 -0.16 32.22 -18.94
CA ASN A 134 6.81 35.45 -11.30
CA LEU A 135 8.78 36.22 -13.94
CA LYS A 136 9.78 39.79 -14.64
CA TYR A 137 12.38 41.45 -16.77
CA SER A 138 13.46 45.00 -15.96
CA VAL A 139 14.47 46.95 -19.02
CA ILE A 140 16.10 50.32 -19.55
CA VAL A 141 15.43 52.79 -22.29
CA THR A 142 17.91 55.61 -21.99
CA VAL A 143 18.09 58.52 -24.56
CA THR A 155 27.89 60.28 -22.62
CA THR A 156 24.42 59.24 -21.46
CA GLU A 157 21.52 60.67 -19.48
CA HIS A 158 18.15 60.05 -17.79
CA GLY A 159 16.71 56.56 -18.43
CA THR A 160 13.22 55.03 -18.21
CA ILE A 161 12.65 51.52 -16.84
CA ALA A 162 10.13 49.32 -18.52
CA THR A 163 9.27 46.22 -16.60
CA ILE A 164 8.11 43.33 -18.80
CA THR A 165 6.58 39.95 -18.02
CA PRO A 166 5.39 36.66 -19.54
CA GLN A 167 1.81 37.82 -19.05
CA ALA A 168 2.09 41.41 -20.22
CA PRO A 169 5.10 41.80 -22.52
CA THR A 170 3.96 45.03 -24.26
CA SER A 171 5.17 48.31 -22.89
CA GLU A 172 4.85 51.65 -24.50
CA ILE A 173 6.97 54.49 -23.45
CA GLN A 174 7.07 58.15 -24.19
CA LEU A 175 10.53 59.16 -25.35
CA THR A 176 11.29 62.85 -26.04
CA ASP A 177 12.75 63.57 -29.49
CA TYR A 178 11.51 60.16 -30.63
CA GLY A 179 7.87 60.05 -29.50
CA ALA A 180 5.83 57.00 -28.57
CA LEU A 181 7.64 53.66 -28.64
CA THR A 182 6.14 50.32 -27.89
CA LEU A 183 8.38 47.55 -26.71
CA ASP A 184 7.46 43.98 -27.25
CA CYS A 185 9.53 41.29 -25.65
CA SER A 186 10.00 37.59 -25.09
CA PRO A 187 12.64 35.49 -23.35
CA ARG A 188 14.92 33.74 -25.67
CA THR A 189 6.10 34.06 -24.58
CA GLY A 190 6.91 32.68 -21.24
CA LEU A 191 7.41 33.04 -24.57
CA ASP A 192 9.17 28.36 -12.03
CA PHE A 193 10.18 27.71 -16.80
CA ASN A 194 12.05 21.99 -19.22
CA GLU A 195 14.62 21.36 -16.91
CA MET A 196 14.26 24.10 -12.98
CA VAL A 197 13.63 23.89 -9.29
CA LEU A 198 14.28 26.57 -6.77
CA LEU A 199 16.41 25.13 -3.98
CA THR A 200 16.55 26.46 -0.45
CA MET A 201 19.06 25.40 2.18
CA LYS A 202 18.93 27.61 5.30
CA GLU A 203 19.78 31.13 4.13
CA LYS A 204 20.64 30.52 0.44
CA SER A 205 18.60 29.82 -2.70
CA TRP A 206 20.12 28.00 -5.56
CA LEU A 207 18.43 27.11 -8.82
CA VAL A 208 18.90 23.54 -10.24
CA HIS A 209 17.61 21.14 -12.88
CA LYS A 210 14.60 19.18 -11.54
CA GLN A 211 15.82 15.75 -12.43
CA TRP A 212 19.16 16.33 -10.68
CA PHE A 213 17.30 17.58 -7.66
CA LEU A 214 15.04 14.59 -7.58
CA ASP A 215 17.92 12.25 -7.47
CA LEU A 216 19.87 13.38 -4.46
CA PRO A 217 20.54 10.53 -1.91
CA LEU A 218 18.38 11.47 1.08
CA PRO A 219 15.31 10.91 3.15
CA TRP A 220 12.42 13.06 1.56
CA THR A 221 8.66 13.85 1.78
CA SER A 222 6.00 15.09 -0.59
CA GLY A 223 5.82 18.76 0.37
CA GLU A 229 4.80 13.98 8.91
CA THR A 230 6.52 11.14 7.13
CA TRP A 231 10.15 10.56 5.97
CA ASN A 232 11.23 8.21 3.14
CA ARG A 233 14.30 6.06 2.77
CA GLN A 234 15.12 7.33 6.20
CA ASP A 235 17.80 4.72 6.21
CA LEU A 236 19.97 6.74 3.90
CA LEU A 237 21.23 8.47 7.01
CA VAL A 238 20.56 5.97 9.75
CA THR A 239 22.14 2.61 9.74
CA PHE A 240 22.66 -0.43 11.88
CA LYS A 241 25.95 -2.16 12.52
CA THR A 242 26.96 -5.51 14.00
CA ALA A 243 24.38 -6.44 16.62
CA HIS A 244 25.63 -7.72 19.99
CA ALA A 245 24.28 -10.34 22.39
CA GLN A 248 22.18 -3.73 18.12
CA GLU A 249 23.60 -0.17 17.44
CA ALA A 250 22.66 2.41 14.82
CA VAL A 251 25.03 4.75 13.05
CA VAL A 252 24.47 7.97 11.10
CA LEU A 253 26.29 10.41 8.80
CA GLY A 254 26.57 14.05 9.86
CA SER A 255 25.12 17.49 9.10
CA GLN A 256 24.75 17.84 5.35
CA GLU A 257 25.29 21.61 4.87
CA GLY A 258 28.82 20.87 3.75
CA ALA A 259 28.29 17.71 1.73
CA MET A 260 25.92 19.76 -0.37
CA HIS A 261 27.66 23.06 -0.68
CA THR A 262 30.38 21.17 -2.53
CA ALA A 263 27.60 19.47 -4.61
CA LEU A 264 25.69 22.68 -5.51
CA THR A 265 28.95 23.86 -7.04
CA GLY A 266 28.12 24.61 -10.72
CA ALA A 267 24.65 25.89 -9.59
CA THR A 268 23.26 29.28 -10.55
CA GLU A 269 23.02 31.13 -7.20
CA ILE A 270 20.01 33.51 -6.44
CA GLN A 271 19.16 36.42 -4.16
CA THR A 272 15.80 35.62 -2.50
CA SER A 273 13.79 37.07 0.44
CA GLY A 274 11.13 35.01 2.15
CA THR A 275 8.88 33.96 -0.65
CA THR A 276 9.69 36.59 -3.13
CA THR A 277 12.46 35.96 -5.54
CA ILE A 278 13.61 38.48 -8.04
CA PHE A 279 15.62 37.39 -11.08
CA ALA A 280 18.49 38.38 -16.35
CA GLY A 281 17.79 36.52 -18.55
CA HIS A 282 18.14 36.87 -22.48
CA LEU A 283 15.24 38.79 -23.91
CA LYS A 284 14.22 39.42 -27.47
CA CYS A 285 12.18 42.48 -28.50
CA ARG A 286 10.85 44.46 -31.31
CA LEU A 287 10.40 48.21 -30.99
CA LYS A 288 7.54 49.86 -32.75
CA MET A 289 7.93 53.53 -33.18
CA ASP A 290 6.76 56.25 -35.43
CA LYS A 291 9.73 54.45 -32.97
CA LEU A 292 12.69 57.24 -32.45
CA THR A 293 9.62 60.58 -34.06
CA LEU A 294 10.53 61.39 -34.50
CA LYS A 295 11.29 66.17 -34.61
CA GLY A 296 14.93 64.21 -34.84
CA ILE A 297 16.53 66.74 -30.38
CA SER A 298 15.66 72.05 -38.06
CA TYR A 299 16.39 72.37 -30.40
CA VAL A 300 20.27 76.38 -33.76
CA MET A 301 24.01 75.65 -34.43
CA CYS A 302 26.18 76.89 -31.46
CA THR A 303 28.49 80.01 -31.58
CA GLY A 304 29.76 80.33 -28.04
CA SER A 305 33.08 78.55 -27.56
CA PHE A 306 33.77 75.36 -25.59
CA LYS A 307 35.94 74.89 -22.52
CA LEU A 308 37.25 71.36 -21.96
CA GLU A 309 35.88 70.35 -18.52
CA LYS A 310 37.68 67.03 -17.91
CA GLU A 311 40.26 65.36 -20.08
CA VAL A 312 39.39 63.05 -22.95
CA ALA A 313 38.81 59.54 -21.55
CA GLU A 314 38.53 56.21 -23.38
CA THR A 315 35.35 54.17 -22.77
CA GLN A 316 34.77 50.49 -22.26
CA HIS A 317 32.24 50.27 -25.12
CA GLY A 318 35.27 51.34 -27.29
CA THR A 319 34.51 55.05 -27.92
CA VAL A 320 36.30 58.23 -26.63
CA LEU A 321 34.37 60.53 -24.26
CA VAL A 322 35.09 64.25 -24.11
CA GLN A 323 33.28 66.58 -21.74
CA VAL A 324 32.84 70.14 -22.91
CA LYS A 325 31.36 73.25 -21.39
CA TYR A 326 29.61 75.96 -23.28
CA GLU A 327 30.29 79.66 -22.63
CA GLY A 328 27.59 81.41 -24.81
CA THR A 329 23.95 82.70 -24.68
CA ASP A 330 22.45 80.10 -27.04
CA ALA A 331 20.84 77.35 -24.88
CA PRO A 332 19.49 75.41 -26.75
CA CYS A 333 21.81 74.69 -29.69
CA LYS A 334 23.46 71.91 -31.79
CA ILE A 335 27.22 71.49 -31.04
CA PRO A 336 29.44 71.90 -34.15
CA PHE A 337 31.99 69.04 -34.05
CA SER A 338 34.53 67.66 -36.55
CA SER A 339 37.19 64.89 -36.87
CA GLN A 340 40.43 64.75 -38.85
CA ASP A 341 42.95 61.85 -39.24
CA GLU A 342 46.80 62.11 -39.24
CA LYS A 343 46.75 63.20 -42.89
CA GLY A 344 44.30 65.98 -41.91
CA VAL A 345 41.08 64.82 -43.71
CA THR A 346 37.64 65.70 -42.38
CA GLN A 347 35.91 62.32 -42.04
CA ASN A 348 32.19 63.01 -41.72
CA GLY A 349 31.15 60.54 -39.04
CA ARG A 350 33.02 58.94 -36.10
CA LEU A 351 30.43 60.53 -33.73
CA VAL A 352 28.66 58.08 -31.38
CA THR A 353 26.66 60.86 -29.65
CA ALA A 354 24.36 61.36 -32.62
CA ASN A 355 22.89 64.80 -31.85
CA PRO A 356 25.00 66.51 -29.06
CA ILE A 357 23.08 69.68 -28.01
CA VAL A 358 23.47 72.33 -25.30
CA THR A 359 20.26 72.03 -23.25
CA ASP A 360 21.52 74.69 -20.87
CA LYS A 361 24.98 76.06 -20.06
CA GLU A 362 26.16 75.02 -16.51
CA LYS A 363 25.50 71.38 -17.53
CA PRO A 364 28.68 70.23 -19.20
CA VAL A 365 27.98 68.09 -22.22
CA ASN A 366 29.45 64.75 -23.15
CA ILE A 367 30.52 63.73 -26.60
CA GLU A 368 31.13 60.14 -27.41
CA ALA A 369 33.19 59.75 -30.59
CA GLU A 370 35.01 56.73 -32.13
CA PRO A 371 38.31 58.35 -33.35
CA PRO A 372 40.46 56.73 -36.14
CA PHE A 373 43.66 54.73 -35.75
CA GLY A 374 46.81 56.83 -35.42
CA GLU A 375 46.93 60.57 -34.65
CA SER A 376 43.39 62.03 -34.66
CA TYR A 377 42.39 65.70 -34.50
CA ILE A 378 39.00 66.34 -32.90
CA VAL A 379 37.50 69.81 -33.28
CA VAL A 380 34.63 71.17 -31.22
CA GLY A 381 33.09 74.59 -31.87
CA ALA A 382 32.45 77.01 -34.73
CA GLY A 383 35.01 79.65 -35.87
CA GLU A 384 38.14 80.61 -33.91
CA LYS A 385 38.10 79.61 -30.15
CA ALA A 386 37.08 76.05 -31.20
CA LEU A 387 38.88 73.29 -29.20
CA LYS A 388 41.36 71.15 -31.24
CA LEU A 389 42.32 67.97 -29.37
CA SER A 390 44.94 65.54 -30.46
CA TRP A 391 44.19 61.87 -29.75
CA PHE A 392 46.11 58.60 -30.20
CA LYS A 393 44.88 55.09 -31.18
CA LYS A 394 46.57 51.67 -31.73
CA MET B 1 -10.84 18.65 -22.10
CA ARG B 2 -11.64 15.07 -23.08
CA CYS B 3 -13.11 14.04 -26.50
CA VAL B 4 -11.50 13.09 -29.89
CA GLY B 5 -12.37 14.90 -33.19
CA ILE B 6 -12.93 13.31 -36.63
CA GLY B 7 -10.28 12.90 -39.30
CA ASN B 8 -10.42 14.15 -42.82
CA ARG B 9 -11.29 10.89 -44.44
CA ASP B 10 -14.49 9.86 -42.70
CA PHE B 11 -17.30 12.02 -43.79
CA VAL B 12 -18.42 13.25 -47.14
CA GLU B 13 -20.21 16.39 -48.20
CA GLY B 14 -22.28 16.20 -51.41
CA LEU B 15 -23.00 19.13 -53.67
CA SER B 16 -26.53 18.15 -52.79
CA GLY B 17 -28.02 15.77 -50.33
CA ALA B 18 -26.02 15.89 -47.19
CA THR B 19 -23.24 15.08 -44.89
CA TRP B 20 -22.64 11.47 -44.13
CA VAL B 21 -20.00 10.78 -41.60
CA ASP B 22 -18.55 7.55 -40.28
CA VAL B 23 -18.11 6.88 -36.57
CA VAL B 24 -16.94 4.06 -34.37
CA LEU B 25 -17.84 4.96 -30.81
CA GLU B 26 -16.15 2.53 -28.44
CA HIS B 27 -16.62 1.46 -24.83
CA GLY B 28 -15.00 4.36 -23.02
CA SER B 29 -14.38 6.87 -25.80
CA CYS B 30 -16.25 9.85 -27.14
CA VAL B 31 -15.94 11.32 -30.69
CA THR B 32 -16.05 15.04 -31.53
CA THR B 33 -16.58 17.61 -34.40
CA MET B 34 -17.97 20.96 -35.59
CA ALA B 35 -18.36 23.35 -38.52
CA LYS B 36 -17.92 27.10 -38.88
CA ASP B 37 -19.49 29.24 -36.17
CA LYS B 38 -21.42 26.16 -35.14
CA PRO B 39 -21.07 24.85 -31.61
CA THR B 40 -19.06 21.67 -31.01
CA LEU B 41 -20.37 18.08 -31.16
CA ASP B 42 -19.83 15.17 -28.80
CA ILE B 43 -20.79 11.64 -29.48
CA GLU B 44 -20.50 9.16 -26.76
CA LEU B 45 -21.45 5.61 -26.20
CA LEU B 46 -23.49 5.62 -23.07
CA LYS B 47 -23.47 1.92 -22.48
CA THR B 48 -24.21 -1.49 -23.73
CA GLU B 49 -26.27 -4.00 -21.94
CA VAL B 50 -28.73 -6.82 -22.31
CA THR B 51 -31.98 -6.56 -20.67
CA ASN B 52 -34.16 -7.62 -15.59
CA PRO B 53 -31.66 -13.15 -18.50
CA ALA B 54 -31.83 -17.33 -18.80
CA VAL B 55 -29.80 -19.52 -16.46
CA LEU B 56 -27.47 -21.58 -18.60
CA ARG B 57 -25.54 -23.71 -16.21
CA LYS B 58 -25.39 -23.62 -12.45
CA LEU B 59 -22.09 -24.71 -10.98
CA CYS B 60 -21.24 -25.78 -7.50
CA ILE B 61 -17.99 -24.23 -6.31
CA GLU B 62 -18.42 -25.39 -2.76
CA ALA B 63 -20.53 -28.24 -1.22
CA LYS B 64 -20.85 -30.22 2.07
CA ILE B 65 -21.37 -33.98 2.75
CA SER B 66 -24.06 -35.56 4.87
CA ASN B 67 -25.45 -38.82 6.19
CA THR B 68 -22.44 -40.94 5.32
CA THR B 69 -22.97 -44.69 5.13
CA THR B 70 -21.02 -47.77 4.11
CA ASP B 71 -21.57 -51.52 3.81
CA SER B 72 -18.64 -53.87 3.24
CA ARG B 73 -18.47 -57.68 2.92
CA CYS B 74 -16.03 -60.44 3.62
CA PRO B 75 -14.58 -62.53 0.85
CA THR B 76 -17.20 -64.97 -0.49
CA GLN B 77 -19.86 -62.56 0.49
CA GLY B 78 -20.13 -60.84 -2.85
CA GLU B 79 -20.40 -57.10 -3.58
CA ALA B 80 -21.40 -54.75 -0.82
CA THR B 81 -24.58 -52.83 -1.54
CA LEU B 82 -26.64 -49.79 -0.78
CA VAL B 83 -29.97 -48.54 -2.19
CA GLU B 84 -28.35 -45.15 -2.39
CA GLU B 85 -26.44 -46.26 -5.45
CA GLN B 86 -29.57 -45.15 -7.29
CA ASP B 87 -30.07 -41.62 -5.86
CA ALA B 88 -28.05 -38.91 -7.50
CA ASN B 89 -27.83 -37.17 -4.16
CA PHE B 90 -24.99 -39.28 -2.98
CA VAL B 91 -21.56 -39.80 -4.34
CA CYS B 92 -20.49 -43.35 -3.56
CA ARG B 93 -17.33 -45.24 -4.13
CA ARG B 94 -16.97 -49.01 -4.52
CA THR B 95 -13.58 -50.35 -3.84
CA PHE B 96 -12.20 -53.65 -2.67
CA VAL B 97 -10.60 -53.91 0.77
CA ASP B 98 -8.74 -56.40 2.99
CA ARG B 99 -10.46 -58.41 5.77
CA GLY B 100 -8.55 -60.49 8.38
CA TRP B 101 -9.28 -61.48 11.94
CA GLY B 102 -8.45 -57.82 12.03
CA ASN B 103 -12.12 -56.86 11.79
CA GLY B 104 -14.31 -59.89 12.56
CA CYS B 105 -13.60 -61.77 9.31
CA GLY B 106 -12.74 -65.48 9.59
CA LEU B 107 -10.68 -65.85 6.46
CA PHE B 108 -7.93 -63.97 4.66
CA GLY B 109 -8.63 -62.11 1.46
CA LYS B 110 -10.09 -59.01 -0.11
CA GLY B 111 -13.70 -57.99 0.60
CA SER B 112 -16.09 -55.91 -1.50
CA LEU B 113 -17.02 -52.69 0.14
CA LEU B 114 -19.00 -49.61 -0.99
CA THR B 115 -19.62 -46.26 0.75
CA CYS B 116 -21.79 -43.14 0.15
CA ALA B 117 -22.63 -39.66 1.32
CA LYS B 118 -25.24 -37.00 0.57
CA PHE B 119 -23.75 -34.32 -1.64
CA LYS B 120 -25.10 -30.88 -0.84
CA CYS B 121 -23.79 -27.83 -2.53
CA VAL B 122 -23.68 -24.65 -0.48
CA THR B 123 -22.15 -22.03 -2.81
CA LYS B 124 -23.34 -22.02 -6.46
CA LEU B 125 -22.09 -19.75 -9.24
CA GLU B 126 -24.26 -19.02 -12.30
CA GLY B 127 -23.59 -18.79 -15.99
CA LYS B 128 -26.38 -16.96 -17.85
CA ILE B 129 -27.24 -16.12 -21.40
CA VAL B 130 -28.72 -13.21 -23.23
CA GLN B 131 -32.14 -13.53 -26.62
CA TYR B 132 -33.40 -13.42 -26.85
CA GLU B 133 -34.13 -10.04 -35.87
CA ASN B 134 -32.33 -7.62 -25.46
CA LEU B 135 -29.75 -5.84 -26.69
CA LYS B 136 -29.63 -2.08 -26.33
CA TYR B 137 -26.97 0.53 -26.69
CA SER B 138 -27.42 3.90 -24.98
CA VAL B 139 -25.82 6.72 -26.87
CA ILE B 140 -25.17 10.36 -26.07
CA VAL B 141 -25.29 13.28 -28.42
CA THR B 142 -24.12 16.35 -26.58
CA VAL B 143 -23.72 19.80 -28.31
CA THR B 155 -16.65 22.84 -21.70
CA THR B 156 -19.81 20.90 -22.49
CA GLU B 157 -23.55 21.19 -21.97
CA HIS B 158 -26.99 19.51 -22.20
CA GLY B 159 -26.93 16.09 -23.93
CA THR B 160 -29.58 13.94 -25.63
CA ILE B 161 -29.64 10.13 -25.21
CA ALA B 162 -30.44 8.01 -28.17
CA THR B 163 -31.10 4.41 -27.36
CA ILE B 164 -30.31 2.03 -30.23
CA THR B 165 -30.98 -1.67 -30.75
CA PRO B 166 -30.41 -4.62 -33.11
CA GLN B 167 -34.01 -4.33 -34.23
CA ALA B 168 -34.31 -0.57 -34.61
CA PRO B 169 -30.86 0.97 -35.11
CA THR B 170 -32.05 4.26 -36.70
CA SER B 171 -32.53 7.23 -34.47
CA GLU B 172 -33.10 10.76 -35.56
CA ILE B 173 -32.55 13.57 -33.23
CA GLN B 174 -33.21 17.26 -33.31
CA LEU B 175 -30.04 19.18 -32.52
CA THR B 176 -30.16 22.99 -32.23
CA ASP B 177 -27.65 24.84 -34.43
CA TYR B 178 -27.24 21.67 -36.48
CA GLY B 179 -30.81 20.59 -37.26
CA ALA B 180 -32.07 17.07 -37.86
CA LEU B 181 -29.54 14.27 -37.53
CA THR B 182 -30.16 10.63 -38.06
CA LEU B 183 -27.95 8.13 -36.36
CA ASP B 184 -27.47 4.71 -37.78
CA CYS B 185 -25.59 2.14 -35.78
CA SER B 186 -24.34 -1.42 -35.59
CA PRO B 187 -22.23 -3.36 -33.12
CA ARG B 188 -18.77 -3.96 -34.28
CA THR B 189 -26.90 -5.64 -37.51
CA GLY B 190 -27.23 -7.65 -34.41
CA LEU B 191 -25.48 -6.34 -37.01
CA ASP B 192 -27.95 -13.69 -25.96
CA PHE B 193 -24.11 -11.31 -28.51
CA ASN B 194 -20.17 -15.84 -30.96
CA GLU B 195 -18.24 -16.34 -28.07
CA MET B 196 -20.39 -14.63 -24.12
CA VAL B 197 -21.89 -15.72 -20.86
CA LEU B 198 -22.70 -13.55 -17.94
CA LEU B 199 -21.07 -15.02 -14.85
CA THR B 200 -22.25 -14.46 -11.31
CA MET B 201 -20.36 -15.44 -8.18
CA LYS B 202 -21.91 -14.01 -5.00
CA GLU B 203 -21.78 -10.23 -5.38
CA LYS B 204 -19.82 -9.85 -8.65
CA SER B 205 -20.68 -10.33 -12.34
CA TRP B 206 -18.01 -11.13 -14.80
CA LEU B 207 -18.47 -11.69 -18.51
CA VAL B 208 -16.67 -14.69 -20.17
CA HIS B 209 -16.51 -16.71 -23.37
CA LYS B 210 -19.10 -19.52 -23.29
CA GLN B 211 -16.79 -22.34 -24.22
CA TRP B 212 -14.33 -21.40 -21.45
CA PHE B 213 -17.20 -21.25 -19.02
CA LEU B 214 -18.49 -24.62 -20.04
CA ASP B 215 -15.22 -26.23 -19.35
CA LEU B 216 -14.53 -25.34 -15.75
CA PRO B 217 -13.80 -28.44 -13.53
CA LEU B 218 -16.86 -28.64 -11.26
CA PRO B 219 -20.09 -30.29 -10.34
CA TRP B 220 -22.92 -28.55 -12.46
CA THR B 221 -26.68 -28.68 -13.31
CA SER B 222 -28.84 -27.62 -16.21
CA GLY B 223 -30.27 -24.35 -14.88
CA GLU B 229 -32.18 -30.90 -7.78
CA THR B 230 -29.33 -32.85 -9.30
CA TRP B 231 -25.52 -32.35 -9.34
CA ASN B 232 -23.12 -33.76 -11.97
CA ARG B 233 -19.59 -35.06 -11.64
CA GLN B 234 -20.10 -34.37 -8.00
CA ASP B 235 -16.91 -36.26 -7.51
CA LEU B 236 -14.84 -33.37 -8.73
CA LEU B 237 -14.99 -32.09 -5.18
CA VAL B 238 -15.65 -35.18 -3.14
CA THR B 239 -13.25 -38.04 -3.10
CA PHE B 240 -12.52 -41.25 -1.32
CA LYS B 241 -9.17 -42.29 0.08
CA THR B 242 -7.73 -45.56 1.34
CA ALA B 243 -10.55 -47.56 2.88
CA HIS B 244 -9.94 -49.20 6.28
CA ALA B 245 -11.11 -52.51 7.77
CA GLN B 248 -13.72 -45.78 3.96
CA GLU B 249 -13.21 -41.94 4.24
CA ALA B 250 -14.09 -39.15 1.82
CA VAL B 251 -12.07 -36.02 1.20
CA VAL B 252 -12.95 -32.69 -0.39
CA LEU B 253 -11.33 -29.48 -1.67
CA GLY B 254 -12.34 -26.16 -0.12
CA SER B 255 -14.43 -23.05 -0.81
CA GLN B 256 -13.86 -22.03 -4.42
CA GLU B 257 -14.27 -18.22 -4.21
CA GLY B 258 -10.50 -17.90 -4.26
CA ALA B 259 -9.59 -20.62 -6.75
CA MET B 260 -11.78 -18.76 -9.20
CA HIS B 261 -11.00 -15.15 -8.51
CA THR B 262 -7.48 -15.97 -9.66
CA ALA B 263 -9.03 -17.78 -12.70
CA LEU B 264 -11.42 -14.96 -13.72
CA THR B 265 -8.33 -12.79 -13.99
CA GLY B 266 -8.32 -11.50 -17.61
CA ALA B 267 -12.19 -11.30 -17.47
CA THR B 268 -14.15 -8.18 -18.35
CA GLU B 269 -15.76 -7.17 -15.04
CA ILE B 270 -19.39 -5.73 -14.94
CA GLN B 271 -21.60 -3.61 -12.68
CA THR B 272 -24.92 -5.48 -12.27
CA SER B 273 -27.96 -5.15 -9.93
CA GLY B 274 -30.31 -8.06 -9.42
CA THR B 275 -31.35 -8.98 -12.89
CA THR B 276 -30.66 -5.79 -14.64
CA THR B 277 -27.29 -5.28 -16.12
CA ILE B 278 -26.25 -2.09 -17.79
CA PHE B 279 -24.07 -1.57 -20.88
CA ALA B 280 -21.03 -1.32 -23.85
CA GLY B 281 -20.15 -2.63 -26.34
CA HIS B 282 -18.27 -1.22 -29.53
CA LEU B 283 -20.71 0.42 -31.89
CA LYS B 284 -20.26 1.74 -35.38
CA CYS B 285 -22.46 4.52 -36.82
CA ARG B 286 -22.98 6.87 -39.60
CA LEU B 287 -24.59 10.25 -39.01
CA LYS B 288 -26.77 11.73 -41.67
CA MET B 289 -27.31 15.38 -41.34
CA ASP B 290 -28.14 18.32 -43.47
CA LYS B 291 -26.12 16.54 -40.17
CA LEU B 292 -24.62 19.61 -37.92
CA THR B 293 -27.53 22.60 -40.31
CA LEU B 294 -26.80 23.66 -40.14
CA LYS B 295 -27.49 28.35 -39.20
CA GLY B 296 -24.15 27.64 -40.61
CA ILE B 297 -24.46 29.70 -35.68
CA SER B 298 -24.67 35.86 -42.72
CA TYR B 299 -26.04 35.08 -35.19
CA VAL B 300 -22.60 40.34 -36.89
CA MET B 301 -18.75 40.57 -36.52
CA CYS B 302 -17.81 41.76 -32.95
CA THR B 303 -16.43 45.30 -32.09
CA GLY B 304 -16.24 45.30 -28.33
CA SER B 305 -12.81 44.24 -27.07
CA PHE B 306 -11.87 41.02 -25.30
CA LYS B 307 -10.51 40.53 -21.78
CA LEU B 308 -8.53 37.34 -21.21
CA GLU B 309 -10.43 35.50 -18.43
CA LYS B 310 -8.06 32.62 -17.64
CA GLU B 311 -4.67 31.92 -19.11
CA VAL B 312 -4.14 29.98 -22.32
CA ALA B 313 -4.15 26.26 -21.48
CA GLU B 314 -3.07 23.27 -23.61
CA THR B 315 -5.68 20.51 -24.16
CA GLN B 316 -5.39 16.76 -24.19
CA HIS B 317 -6.96 16.47 -27.66
CA GLY B 318 -3.85 18.51 -28.75
CA THR B 319 -5.34 22.01 -29.23
CA VAL B 320 -4.83 25.25 -27.17
CA LEU B 321 -7.84 26.66 -25.25
CA VAL B 322 -8.16 30.37 -24.55
CA GLN B 323 -11.06 31.83 -22.60
CA VAL B 324 -12.07 35.34 -23.50
CA LYS B 325 -14.65 37.77 -22.19
CA TYR B 326 -16.48 40.30 -24.24
CA GLU B 327 -16.97 43.90 -23.08
CA GLY B 328 -19.37 45.33 -25.78
CA THR B 329 -23.13 45.75 -26.58
CA ASP B 330 -23.25 43.30 -29.51
CA ALA B 331 -24.60 39.96 -28.18
CA PRO B 332 -24.87 38.10 -30.53
CA CYS B 333 -21.78 38.39 -32.72
CA LYS B 334 -18.98 36.42 -34.51
CA ILE B 335 -15.56 36.72 -32.75
CA PRO B 336 -12.81 38.12 -35.03
CA PHE B 337 -9.71 35.91 -34.46
CA SER B 338 -6.35 35.55 -36.24
CA SER B 339 -3.08 33.52 -36.04
CA GLN B 340 0.49 34.43 -37.00
CA ASP B 341 3.68 32.26 -36.92
CA GLU B 342 7.20 33.35 -35.79
CA LYS B 343 7.81 34.98 -39.17
CA GLY B 344 4.56 36.95 -38.68
CA VAL B 345 2.34 35.43 -41.44
CA THR B 346 -1.43 35.30 -41.08
CA GLN B 347 -2.28 31.62 -41.59
CA ASN B 348 -6.01 31.40 -42.29
CA GLY B 349 -7.03 28.35 -40.26
CA ARG B 350 -5.63 26.75 -37.08
CA LEU B 351 -9.06 27.32 -35.42
CA VAL B 352 -10.69 24.19 -33.92
CA THR B 353 -13.71 26.16 -32.59
CA ALA B 354 -15.20 26.60 -36.05
CA ASN B 355 -17.66 29.47 -35.41
CA PRO B 356 -16.86 31.13 -31.99
CA ILE B 357 -19.74 33.58 -31.23
CA VAL B 358 -20.75 35.79 -28.29
CA THR B 359 -24.20 34.46 -27.30
CA ASP B 360 -24.31 36.89 -24.41
CA LYS B 361 -21.66 38.84 -22.51
CA GLU B 362 -21.20 37.52 -18.89
CA LYS B 363 -20.61 34.05 -20.41
CA PRO B 364 -16.93 33.91 -21.17
CA VAL B 365 -16.25 32.19 -24.45
CA ASN B 366 -13.79 29.46 -25.24
CA ILE B 367 -11.64 29.26 -28.30
CA GLU B 368 -9.94 26.08 -29.23
CA ALA B 369 -7.10 26.68 -31.72
CA GLU B 370 -4.23 24.42 -32.92
CA PRO B 371 -1.26 26.91 -32.98
CA PRO B 372 1.88 26.27 -35.17
CA PHE B 373 5.27 24.99 -34.05
CA GLY B 374 7.58 27.66 -32.63
CA GLU B 375 6.54 31.15 -31.52
CA SER B 376 2.87 31.77 -32.41
CA TYR B 377 0.95 35.07 -32.21
CA ILE B 378 -2.79 34.67 -31.59
CA VAL B 379 -4.98 37.74 -32.06
CA VAL B 380 -8.54 38.08 -30.81
CA GLY B 381 -10.67 41.14 -31.55
CA ALA B 382 -11.16 43.78 -34.22
CA GLY B 383 -9.16 47.07 -34.33
CA GLU B 384 -6.99 48.38 -31.46
CA LYS B 385 -7.74 46.78 -27.99
CA ALA B 386 -7.50 43.32 -29.62
CA LEU B 387 -5.64 40.73 -27.45
CA LYS B 388 -2.25 39.54 -28.88
CA LEU B 389 -1.03 36.39 -27.12
CA SER B 390 2.32 34.82 -27.63
CA TRP B 391 2.38 31.01 -27.51
CA PHE B 392 5.13 28.35 -27.70
CA LYS B 393 5.14 24.87 -29.31
CA LYS B 394 7.73 22.03 -29.68
CA MET C 1 -1.71 -65.75 8.84
CA ARG C 2 -0.13 -62.32 8.53
CA CYS C 3 3.48 -61.49 9.64
CA VAL C 4 6.90 -61.66 7.83
CA GLY C 5 9.90 -63.65 9.22
CA ILE C 6 13.56 -62.58 9.29
CA GLY C 7 16.14 -63.43 6.65
CA ASN C 8 19.42 -65.17 7.18
CA ARG C 9 21.58 -62.12 7.04
CA ASP C 10 20.19 -59.91 9.77
CA PHE C 11 21.04 -61.27 13.09
CA VAL C 12 24.19 -62.67 14.55
CA GLU C 13 24.81 -65.26 17.23
CA GLY C 14 28.11 -65.00 19.14
CA LEU C 15 29.88 -67.93 20.73
CA SER C 16 29.35 -65.80 23.79
CA GLY C 17 27.38 -62.72 24.47
CA ALA C 18 24.17 -62.89 22.59
CA THR C 19 21.90 -62.55 19.69
CA TRP C 20 21.72 -59.22 18.03
CA VAL C 21 19.21 -58.92 15.29
CA ASP C 22 18.38 -56.11 12.93
CA VAL C 23 14.80 -54.99 12.28
CA VAL C 24 13.04 -52.32 10.31
CA LEU C 25 9.43 -52.28 11.42
CA GLU C 26 7.41 -50.10 9.07
CA HIS C 27 4.05 -48.35 9.17
CA GLY C 28 1.72 -51.23 8.49
CA SER C 29 4.03 -54.26 8.68
CA CYS C 30 4.95 -56.72 11.37
CA VAL C 31 8.18 -58.80 11.54
CA THR C 32 8.40 -62.40 12.77
CA THR C 33 10.85 -65.14 14.07
CA MET C 34 11.54 -68.08 16.41
CA ALA C 35 14.05 -70.70 17.50
CA LYS C 36 13.76 -74.42 18.22
CA ASP C 37 10.82 -75.50 20.36
CA LYS C 38 10.40 -71.86 21.26
CA PRO C 39 7.12 -70.13 20.51
CA THR C 40 6.96 -67.64 17.64
CA LEU C 41 7.75 -63.90 17.80
CA ASP C 42 5.87 -60.92 16.39
CA ILE C 43 7.17 -57.44 16.25
CA GLU C 44 4.88 -54.75 15.21
CA LEU C 45 4.96 -51.03 15.04
CA LEU C 46 1.95 -49.89 16.97
CA LYS C 47 1.99 -46.33 15.83
CA THR C 48 3.80 -43.13 15.50
CA GLU C 49 2.55 -39.84 16.71
CA VAL C 50 3.49 -36.52 18.20
CA THR C 51 1.99 -35.52 21.37
CA ASN C 52 0.43 -30.92 23.97
CA PRO C 53 4.50 -27.43 19.91
CA ALA C 54 5.98 -23.65 18.81
CA VAL C 55 4.14 -21.54 16.25
CA LEU C 56 6.52 -20.95 13.39
CA ARG C 57 4.65 -18.84 10.93
CA LYS C 58 1.03 -17.86 10.86
CA LEU C 59 -0.41 -17.35 7.42
CA CYS C 60 -3.51 -15.58 6.32
CA ILE C 61 -5.41 -17.56 3.69
CA GLU C 62 -8.44 -15.32 3.81
CA ALA C 63 -8.90 -11.68 4.99
CA LYS C 64 -11.46 -8.80 4.74
CA ILE C 65 -11.00 -5.03 4.13
CA SER C 66 -12.32 -2.20 6.25
CA ASN C 67 -12.52 1.55 6.61
CA THR C 68 -11.41 2.39 3.10
CA THR C 69 -10.12 5.91 2.48
CA THR C 70 -8.49 7.87 -0.31
CA ASP C 71 -7.09 11.36 -0.90
CA SER C 72 -6.18 12.50 -4.42
CA ARG C 73 -4.85 15.84 -5.71
CA CYS C 74 -4.97 17.86 -8.86
CA PRO C 75 -1.89 18.55 -10.90
CA THR C 76 0.33 21.12 -9.15
CA GLN C 77 -1.02 19.96 -5.88
CA GLY C 78 1.72 17.47 -5.13
CA GLU C 79 1.41 13.93 -3.78
CA ALA C 80 -1.79 12.88 -2.09
CA THR C 81 -1.32 11.82 1.50
CA LEU C 82 -2.69 9.84 4.39
CA VAL C 83 -1.37 9.22 7.92
CA GLU C 84 -2.28 5.61 7.39
CA GLU C 85 0.76 5.18 5.20
CA GLN C 86 2.54 4.50 8.50
CA ASP C 87 0.23 1.84 10.05
CA ALA C 88 0.83 -1.69 8.91
CA ASN C 89 -2.87 -2.34 9.25
CA PHE C 90 -3.69 -0.86 5.92
CA VAL C 91 -2.58 -1.77 2.48
CA CYS C 92 -2.44 1.40 0.41
CA ARG C 93 -1.69 2.07 -3.17
CA ARG C 94 -0.30 5.30 -4.65
CA THR C 95 -0.91 5.76 -8.28
CA PHE C 96 -1.24 8.74 -10.56
CA VAL C 97 -4.62 9.55 -12.12
CA ASP C 98 -6.23 11.95 -14.61
CA ARG C 99 -8.15 15.09 -13.55
CA GLY C 100 -10.26 17.22 -15.95
CA TRP C 101 -13.31 19.39 -15.51
CA GLY C 102 -14.51 15.85 -15.20
CA ASN C 103 -14.17 15.93 -11.41
CA GLY C 104 -13.84 19.53 -10.23
CA CYS C 105 -10.28 20.09 -11.50
CA GLY C 106 -9.61 23.32 -13.43
CA LEU C 107 -6.70 22.15 -15.55
CA PHE C 108 -5.80 19.13 -17.62
CA GLY C 109 -3.18 16.68 -16.45
CA LYS C 110 -2.41 13.80 -14.15
CA GLY C 111 -3.01 14.09 -10.39
CA SER C 112 -1.35 12.24 -7.52
CA LEU C 113 -3.71 10.05 -5.64
CA LEU C 114 -3.30 7.46 -2.85
CA THR C 115 -5.85 5.10 -1.24
CA CYS C 116 -5.92 2.68 1.76
CA ALA C 117 -7.92 0.08 3.62
CA LYS C 118 -7.69 -1.82 6.89
CA PHE C 119 -6.48 -5.35 6.24
CA LYS C 120 -8.07 -7.86 8.58
CA CYS C 121 -7.44 -11.52 8.20
CA VAL C 122 -10.29 -13.85 9.08
CA THR C 123 -8.95 -17.35 8.37
CA LYS C 124 -5.35 -18.11 9.47
CA LEU C 125 -3.46 -21.36 8.92
CA GLU C 126 -0.52 -22.32 11.16
CA GLY C 127 2.87 -23.82 10.54
CA LYS C 128 4.41 -25.26 13.73
CA ILE C 129 7.66 -26.83 14.76
CA VAL C 130 8.75 -29.62 17.01
CA GLN C 131 12.41 -29.36 20.14
CA TYR C 132 9.26 -29.70 20.68
CA GLU C 133 17.63 -34.19 22.43
CA ASN C 134 6.89 -35.23 21.41
CA LEU C 135 7.70 -37.88 19.49
CA LYS C 136 6.72 -41.39 20.51
CA TYR C 137 6.52 -44.70 18.77
CA SER C 138 4.30 -47.43 20.21
CA VAL C 139 5.63 -50.89 19.54
CA ILE C 140 4.22 -54.36 20.02
CA VAL C 141 6.07 -57.47 21.03
CA THR C 142 3.69 -60.38 20.83
CA VAL C 143 4.81 -64.04 21.50
CA THR C 155 -2.53 -67.88 15.65
CA THR C 156 -1.28 -65.23 18.08
CA GLU C 157 -1.67 -64.31 21.72
CA HIS C 158 -1.00 -61.76 24.51
CA GLY C 159 1.26 -58.86 23.43
CA THR C 160 3.40 -56.32 25.29
CA ILE C 161 3.62 -52.66 24.20
CA ALA C 162 6.93 -50.94 24.34
CA THR C 163 6.74 -47.22 23.87
CA ILE C 164 9.92 -45.70 22.41
CA THR C 165 11.08 -42.11 21.94
CA PRO C 166 13.85 -39.93 20.51
CA GLN C 167 15.07 -39.31 24.04
CA ALA C 168 14.85 -42.81 25.46
CA PRO C 169 14.93 -45.37 22.65
CA THR C 170 16.02 -48.38 24.78
CA SER C 171 13.36 -50.65 26.13
CA GLU C 172 13.88 -53.97 27.74
CA ILE C 173 11.10 -56.38 28.05
CA GLN C 174 10.60 -59.65 29.80
CA LEU C 175 9.37 -62.27 27.36
CA THR C 176 8.46 -65.77 28.62
CA ASP C 177 10.20 -68.63 26.80
CA TYR C 178 12.74 -66.12 25.47
CA GLY C 179 13.84 -64.17 28.54
CA ALA C 180 15.07 -60.59 28.67
CA LEU C 181 15.08 -58.67 25.41
CA THR C 182 16.23 -55.15 24.91
CA LEU C 183 14.87 -53.18 22.04
CA ASP C 184 16.78 -50.36 20.56
CA CYS C 185 15.16 -48.16 17.98
CA SER C 186 15.48 -45.16 15.72
CA PRO C 187 13.27 -43.56 13.10
CA ARG C 188 14.35 -44.22 9.62
CA THR C 189 18.19 -40.76 16.87
CA GLY C 190 15.48 -38.24 16.56
CA LEU C 191 17.75 -40.44 15.32
CA ASP C 192 8.17 -30.92 15.39
CA PHE C 193 12.79 -34.20 13.12
CA ASN C 194 16.00 -31.91 7.98
CA GLU C 195 13.19 -31.13 6.03
CA MET C 196 9.15 -30.93 8.63
CA VAL C 197 6.50 -28.53 9.78
CA LEU C 198 3.18 -29.43 11.23
CA LEU C 199 0.48 -27.62 9.29
CA THR C 200 -2.94 -26.76 10.63
CA MET C 201 -5.85 -25.47 8.55
CA LYS C 202 -9.13 -25.40 10.51
CA GLU C 203 -9.84 -29.00 11.50
CA LYS C 204 -7.00 -30.87 9.72
CA SER C 205 -3.26 -31.27 10.34
CA TRP C 206 -0.96 -32.03 7.53
CA LEU C 207 2.79 -32.49 7.74
CA VAL C 208 5.03 -30.75 5.11
CA HIS C 209 8.64 -29.90 4.31
CA LYS C 210 9.61 -26.57 5.95
CA GLN C 211 11.04 -24.93 2.90
CA TRP C 212 7.90 -25.66 0.86
CA PHE C 213 5.82 -24.27 3.68
CA LEU C 214 7.86 -21.13 3.88
CA ASP C 215 7.32 -20.38 0.29
CA LEU C 216 3.57 -20.32 -0.06
CA PRO C 217 2.24 -17.04 -1.64
CA LEU C 218 0.43 -15.33 1.24
CA PRO C 219 0.34 -12.63 3.85
CA TRP C 220 2.15 -14.05 7.04
CA THR C 221 3.39 -13.12 10.57
CA SER C 222 6.07 -14.34 12.92
CA GLY C 223 4.03 -16.52 15.28
CA GLU C 229 -0.72 -7.92 15.23
CA THR C 230 0.98 -7.38 11.91
CA TRP C 231 0.50 -8.92 8.42
CA ASN C 232 3.16 -9.10 5.67
CA ARG C 233 2.86 -8.81 1.93
CA GLN C 234 -0.76 -8.22 2.66
CA ASP C 235 -1.02 -7.24 -0.94
CA LEU C 236 -0.87 -10.82 -2.06
CA LEU C 237 -4.61 -10.90 -1.50
CA VAL C 238 -5.62 -7.28 -1.77
CA THR C 239 -5.10 -5.35 -4.90
CA PHE C 240 -5.96 -2.08 -6.54
CA LYS C 241 -7.35 -1.67 -10.03
CA THR C 242 -7.78 1.29 -12.38
CA ALA C 243 -8.42 4.36 -10.26
CA HIS C 244 -11.27 6.70 -11.28
CA ALA C 245 -11.65 10.48 -11.13
CA GLN C 248 -9.64 3.95 -6.67
CA GLU C 249 -11.01 0.38 -6.01
CA ALA C 250 -9.40 -2.64 -4.37
CA VAL C 251 -9.88 -6.25 -5.38
CA VAL C 252 -9.21 -9.51 -3.56
CA LEU C 253 -9.04 -13.27 -4.16
CA GLY C 254 -11.36 -15.54 -2.19
CA SER C 255 -11.34 -18.00 0.72
CA GLN C 256 -8.25 -20.16 0.45
CA GLU C 257 -9.47 -23.47 1.97
CA GLY C 258 -9.88 -24.84 -1.53
CA ALA C 259 -6.84 -23.36 -3.24
CA MET C 260 -4.80 -25.16 -0.63
CA HIS C 261 -6.54 -28.47 -0.29
CA THR C 262 -5.57 -29.04 -3.91
CA ALA C 263 -2.00 -27.87 -3.01
CA LEU C 264 -1.58 -30.06 0.11
CA THR C 265 -2.23 -32.99 -2.20
CA GLY C 266 0.87 -35.25 -1.87
CA ALA C 267 1.05 -34.30 1.88
CA THR C 268 1.22 -36.86 4.68
CA GLU C 269 -2.06 -36.34 6.56
CA ILE C 270 -2.20 -36.61 10.46
CA GLN C 271 -4.73 -37.24 13.22
CA THR C 272 -4.27 -34.50 15.83
CA SER C 273 -6.29 -33.24 18.87
CA GLY C 274 -5.73 -29.77 20.25
CA THR C 275 -2.05 -29.67 20.93
CA THR C 276 -1.35 -33.30 21.20
CA THR C 277 -0.41 -35.15 18.12
CA ILE C 278 0.20 -38.84 18.05
CA PHE C 279 2.77 -40.85 16.09
CA ALA C 280 3.74 -44.25 12.54
CA GLY C 281 6.38 -43.70 11.31
CA HIS C 282 9.19 -46.12 9.95
CA LEU C 283 11.37 -47.34 12.79
CA LYS C 284 14.57 -49.31 12.77
CA CYS C 285 15.63 -51.50 15.72
CA ARG C 286 18.02 -54.03 16.93
CA LEU C 287 16.97 -56.62 19.48
CA LYS C 288 19.44 -57.81 22.02
CA MET C 289 18.54 -61.03 23.64
CA ASP C 290 20.20 -63.90 25.33
CA LYS C 291 17.14 -62.27 22.85
CA LEU C 292 14.36 -65.22 22.34
CA THR C 293 16.36 -67.58 26.03
CA LEU C 294 15.99 -68.75 25.65
CA LYS C 295 14.33 -72.79 27.73
CA GLY C 296 13.18 -74.93 24.92
CA ILE C 297 7.95 -74.68 26.08
CA SER C 298 12.20 -82.83 27.91
CA TYR C 299 5.81 -78.77 29.30
CA VAL C 300 4.88 -84.99 27.63
CA MET C 301 3.80 -86.09 24.08
CA CYS C 302 -0.05 -85.97 23.72
CA THR C 303 -2.36 -89.10 23.57
CA GLY C 304 -5.84 -87.66 23.57
CA SER C 305 -7.17 -87.17 20.04
CA PHE C 306 -7.77 -83.91 18.20
CA LYS C 307 -11.04 -82.46 16.91
CA LEU C 308 -10.73 -79.97 14.05
CA GLU C 309 -12.29 -76.72 15.40
CA LYS C 310 -12.35 -74.54 12.27
CA GLU C 311 -11.31 -75.46 8.78
CA VAL C 312 -7.74 -75.18 7.51
CA ALA C 313 -7.15 -71.59 6.38
CA GLU C 314 -4.28 -70.13 4.31
CA THR C 315 -2.35 -67.21 5.88
CA GLN C 316 -1.00 -64.01 4.42
CA HIS C 317 2.56 -64.71 5.66
CA GLY C 318 2.28 -67.79 3.32
CA THR C 319 1.69 -70.63 5.81
CA VAL C 320 -1.46 -72.78 6.45
CA LEU C 321 -3.23 -72.42 9.83
CA VAL C 322 -5.18 -75.31 11.33
CA GLN C 323 -7.01 -75.01 14.63
CA VAL C 324 -7.31 -78.17 16.67
CA LYS C 325 -8.97 -79.06 19.94
CA TYR C 326 -7.71 -81.59 22.39
CA GLU C 327 -10.01 -84.15 24.04
CA GLY C 328 -7.67 -85.81 26.66
CA THR C 329 -6.47 -85.47 30.31
CA ASP C 330 -2.87 -84.46 29.51
CA ALA C 331 -2.63 -80.63 29.79
CA PRO C 332 0.24 -79.87 29.35
CA CYS C 333 1.63 -81.85 26.42
CA LYS C 334 3.52 -81.61 23.07
CA ILE C 335 1.23 -82.10 20.01
CA PRO C 336 2.36 -84.99 17.74
CA PHE C 337 2.14 -83.67 14.13
CA SER C 338 3.34 -84.99 10.75
CA SER C 339 3.35 -84.04 7.02
CA GLN C 340 3.31 -86.18 3.88
CA ASP C 341 3.50 -85.13 0.18
CA GLU C 342 1.47 -86.60 -2.76
CA LYS C 343 3.87 -89.54 -2.98
CA GLY C 344 3.24 -90.18 0.75
CA VAL C 345 6.70 -89.34 2.25
CA THR C 346 7.04 -88.05 5.80
CA GLN C 347 8.99 -84.79 5.41
CA ASN C 348 10.34 -83.86 8.83
CA GLY C 349 9.77 -80.12 8.94
CA ARG C 350 7.20 -77.83 7.25
CA LEU C 351 6.04 -76.72 10.74
CA VAL C 352 6.08 -72.95 11.36
CA THR C 353 4.64 -73.30 14.91
CA ALA C 354 7.89 -74.66 16.31
CA ASN C 355 6.68 -76.24 19.58
CA PRO C 356 2.79 -76.54 19.49
CA ILE C 357 1.69 -77.59 23.03
CA VAL C 358 -1.65 -78.08 24.82
CA THR C 359 -1.50 -75.58 27.71
CA ASP C 360 -5.02 -76.53 28.72
CA LYS C 361 -7.91 -78.21 26.90
CA GLU C 362 -10.83 -75.73 26.21
CA LYS C 363 -8.26 -73.46 24.49
CA PRO C 364 -8.13 -74.65 20.93
CA VAL C 365 -4.60 -74.64 19.60
CA ASN C 366 -3.29 -73.23 16.36
CA ILE C 367 -0.77 -74.88 14.12
CA GLU C 368 0.96 -72.93 11.46
CA ALA C 369 2.56 -75.22 8.85
CA GLU C 370 4.02 -74.51 5.36
CA PRO C 371 2.67 -77.53 3.33
CA PRO C 372 4.39 -78.71 0.06
CA PHE C 373 3.26 -78.08 -3.51
CA GLY C 374 0.61 -80.47 -4.79
CA GLU C 375 -1.52 -82.80 -2.64
CA SER C 376 -0.31 -82.70 1.00
CA TYR C 377 -1.39 -84.96 3.86
CA ILE C 378 -1.18 -83.35 7.31
CA VAL C 379 -1.52 -85.63 10.34
CA VAL C 380 -2.20 -84.44 13.87
CA GLY C 381 -2.28 -86.83 16.84
CA ALA C 382 -0.72 -90.08 18.01
CA GLY C 383 -2.16 -93.55 17.15
CA GLU C 384 -5.63 -94.13 15.64
CA LYS C 385 -8.11 -91.16 16.00
CA ALA C 386 -5.38 -88.83 14.61
CA LEU C 387 -6.72 -86.22 12.12
CA LYS C 388 -5.54 -86.69 8.47
CA LEU C 389 -6.21 -83.55 6.38
CA SER C 390 -5.72 -83.30 2.70
CA TRP C 391 -4.44 -79.93 1.43
CA PHE C 392 -3.76 -78.44 -2.02
CA LYS C 393 -1.01 -76.03 -3.22
CA LYS C 394 -0.06 -74.41 -6.58
CA GLU D 1 -13.08 -47.19 31.76
CA VAL D 2 -9.95 -47.51 33.80
CA GLN D 3 -10.68 -48.05 37.45
CA LEU D 4 -8.45 -48.22 40.51
CA VAL D 5 -9.64 -48.91 44.06
CA GLU D 6 -7.35 -48.40 47.08
CA SER D 7 -7.24 -49.32 50.82
CA GLY D 8 -5.03 -49.16 54.02
CA GLY D 9 -4.82 -45.58 55.53
CA GLY D 10 -4.32 -44.14 59.14
CA VAL D 11 -2.21 -41.52 61.10
CA VAL D 12 1.41 -41.80 62.29
CA GLN D 13 4.42 -39.62 63.07
CA PRO D 14 7.94 -40.03 61.74
CA GLY D 15 8.89 -43.47 63.11
CA ARG D 16 6.02 -45.68 61.93
CA SER D 17 5.20 -48.10 59.07
CA LEU D 18 2.11 -48.88 56.86
CA ARG D 19 1.06 -50.81 53.66
CA LEU D 20 -1.28 -49.57 50.90
CA SER D 21 -3.15 -51.57 48.21
CA CYS D 22 -4.55 -50.60 44.78
CA ALA D 23 -6.67 -52.92 42.63
CA ALA D 24 -6.86 -52.07 38.94
CA SER D 25 -9.46 -52.89 36.33
CA GLY D 26 -10.64 -51.80 32.91
CA PHE D 27 -7.22 -51.94 31.31
CA SER D 28 -4.23 -54.11 30.69
CA PHE D 29 -2.57 -53.51 34.01
CA SER D 30 0.52 -55.42 32.97
CA SER D 31 1.20 -52.96 30.13
CA TYR D 32 1.57 -49.80 32.15
CA GLY D 33 3.92 -48.56 34.78
CA MET D 34 2.15 -47.58 37.97
CA HIS D 35 2.98 -44.77 40.35
CA TRP D 36 2.19 -43.77 43.84
CA VAL D 37 1.39 -40.12 44.48
CA ARG D 38 0.09 -38.48 47.62
CA GLN D 39 -1.54 -35.28 48.93
CA ALA D 40 -1.09 -33.81 52.42
CA PRO D 41 -4.16 -32.67 54.27
CA GLY D 42 -5.70 -29.50 53.01
CA LYS D 43 -2.66 -29.23 50.86
CA GLY D 44 -1.35 -30.21 47.41
CA LEU D 45 -0.12 -33.45 45.65
CA GLU D 46 3.34 -35.28 45.80
CA TRP D 47 5.11 -38.19 43.98
CA VAL D 48 6.19 -41.34 45.86
CA ALA D 49 7.35 -44.03 43.56
CA VAL D 50 7.02 -45.83 40.26
CA ILE D 51 6.99 -49.50 39.25
CA TRP D 52 7.66 -50.83 35.78
CA TYR D 53 4.84 -52.62 34.03
CA ASP D 54 6.82 -55.87 34.47
CA GLY D 55 7.60 -55.17 38.10
CA SER D 56 11.29 -55.55 37.21
CA LYS D 57 12.31 -51.96 37.78
CA THR D 58 11.37 -49.60 40.53
CA TYR D 59 12.12 -45.91 41.10
CA TYR D 60 11.45 -43.97 44.22
CA GLY D 61 11.62 -40.50 45.43
CA ASP D 62 15.01 -40.15 47.06
CA SER D 63 13.09 -39.15 50.11
CA VAL D 64 11.36 -42.52 50.23
CA LYS D 65 14.16 -44.61 48.73
CA GLY D 66 15.29 -47.56 50.83
CA ARG D 67 12.30 -47.58 53.24
CA PHE D 68 9.41 -47.72 50.74
CA THR D 69 8.88 -50.77 48.65
CA ILE D 70 6.56 -50.51 45.72
CA SER D 71 5.39 -53.78 44.33
CA LYS D 72 2.70 -55.19 42.11
CA ASP D 73 0.93 -58.46 41.49
CA ASN D 74 0.19 -58.77 37.78
CA SER D 75 -2.11 -61.72 38.19
CA LYS D 76 -4.14 -59.97 40.87
CA LYS D 77 -3.90 -56.68 39.02
CA MET D 78 -2.91 -55.01 42.23
CA VAL D 79 -0.20 -52.57 43.19
CA ASN D 80 1.10 -52.19 46.71
CA LEU D 81 3.22 -49.84 48.71
CA GLN D 82 5.00 -50.88 51.89
CA MET D 83 5.88 -47.74 53.80
CA ASP D 84 8.35 -48.45 56.61
CA SER D 85 9.97 -45.92 58.99
CA LEU D 86 7.72 -43.08 57.78
CA GLY D 87 8.95 -39.58 57.91
CA VAL D 88 7.54 -36.13 57.78
CA GLU D 89 7.62 -35.83 54.09
CA ASP D 90 5.21 -38.90 53.99
CA THR D 91 1.85 -37.56 55.34
CA ALA D 92 -0.83 -37.46 52.67
CA PHE D 93 -3.84 -38.97 50.96
CA TYR D 94 -2.19 -41.60 48.77
CA TYR D 95 -3.23 -42.29 45.22
CA CYS D 96 -2.22 -44.95 42.81
CA ALA D 97 -2.06 -43.66 39.27
CA ARG D 98 -1.57 -45.05 35.78
CA GLY D 99 1.66 -43.77 34.24
CA ILE D 100 2.33 -41.56 31.27
CA ALA D 101 6.09 -41.04 31.34
CA GLY D 102 5.70 -38.27 28.86
CA GLY D 103 7.55 -37.60 25.68
CA TRP D 104 10.42 -36.96 27.98
CA ALA D 105 11.43 -38.92 31.02
CA PHE D 106 9.65 -38.56 34.32
CA TRP D 107 6.00 -39.42 34.22
CA GLY D 108 2.84 -37.44 34.17
CA ILE D 109 -0.26 -39.28 35.53
CA ASP D 110 -3.15 -40.31 33.25
CA LEU D 111 -5.60 -42.20 35.60
CA TRP D 112 -6.04 -42.17 39.39
CA GLY D 113 -7.42 -44.22 42.33
CA GLN D 114 -9.86 -42.78 44.90
CA GLY D 115 -7.18 -42.12 47.53
CA THR D 116 -6.43 -43.30 51.11
CA LEU D 117 -5.25 -40.99 53.96
CA VAL D 118 -1.95 -41.53 55.90
CA THR D 119 -0.74 -38.86 58.39
CA VAL D 120 3.02 -38.08 59.21
CA SER D 121 4.54 -34.44 57.78
CA SER D 122 6.04 -32.37 53.80
CA ASP D 123 8.50 -31.14 49.32
CA VAL D 124 9.97 -28.76 45.63
CA VAL D 125 7.79 -25.76 45.14
CA MET D 126 5.26 -24.68 42.55
CA THR D 127 3.34 -21.57 43.65
CA GLN D 128 -0.03 -21.10 42.06
CA SER D 129 -1.94 -17.84 42.08
CA PRO D 130 -4.56 -16.77 42.76
CA GLY D 131 -5.52 -19.11 45.55
CA THR D 132 -9.09 -18.87 44.41
CA LEU D 133 -10.74 -17.38 41.37
CA SER D 134 -14.43 -16.62 41.42
CA LEU D 135 -16.01 -16.59 37.98
CA SER D 136 -19.32 -17.36 36.33
CA PRO D 137 -19.90 -19.65 33.43
CA GLY D 138 -18.83 -18.41 30.02
CA GLU D 139 -16.00 -16.43 31.56
CA ARG D 140 -12.27 -16.93 31.18
CA ALA D 141 -10.18 -18.25 34.03
CA THR D 142 -6.46 -17.61 33.94
CA LEU D 143 -4.40 -19.55 36.45
CA SER D 144 -0.71 -19.12 37.15
CA CYS D 145 2.00 -21.46 38.48
CA ARG D 146 5.49 -20.25 39.36
CA ALA D 147 8.13 -22.82 40.24
CA SER D 148 10.84 -22.46 42.89
CA GLN D 149 13.25 -24.08 40.53
CA ASN D 150 13.09 -24.12 36.76
CA VAL D 151 11.08 -26.97 35.28
CA TYR D 152 11.55 -26.20 31.63
CA SER D 153 8.37 -27.15 29.74
CA TYR D 154 7.83 -30.22 31.86
CA LEU D 155 4.62 -29.10 33.50
CA GLY D 156 1.22 -30.83 33.55
CA TRP D 157 -2.13 -29.62 34.88
CA TYR D 158 -4.85 -31.59 36.68
CA GLN D 159 -8.50 -31.05 37.68
CA HIS D 160 -9.58 -32.01 41.21
CA LYS D 161 -13.12 -32.05 42.50
CA PRO D 162 -13.54 -31.82 46.22
CA GLY D 163 -12.06 -34.73 48.16
CA ARG D 164 -11.79 -36.59 44.90
CA SER D 165 -8.90 -37.89 42.83
CA PRO D 166 -7.14 -35.68 40.37
CA ARG D 167 -7.73 -35.84 36.61
CA LEU D 168 -5.19 -34.83 33.94
CA LEU D 169 -5.87 -31.69 31.83
CA ILE D 170 -2.57 -30.92 30.09
CA PHE D 171 0.92 -32.36 29.61
CA GLY D 172 4.13 -30.62 28.54
CA VAL D 173 2.76 -27.19 29.49
CA THR D 174 0.85 -26.96 26.17
CA SER D 175 -0.64 -30.32 25.21
CA ARG D 176 -4.13 -31.45 26.16
CA ALA D 177 -4.89 -34.89 27.63
CA THR D 178 -7.32 -37.07 25.75
CA GLY D 179 -10.93 -36.05 26.11
CA VAL D 180 -10.12 -32.49 27.12
CA PRO D 181 -11.76 -29.81 25.08
CA ASP D 182 -9.88 -27.00 23.33
CA ARG D 183 -11.26 -24.43 25.74
CA PHE D 184 -8.52 -25.47 28.12
CA SER D 185 -5.09 -24.24 27.04
CA GLY D 186 -1.69 -24.02 28.72
CA SER D 187 1.53 -22.16 28.04
CA GLY D 188 4.98 -21.38 29.44
CA SER D 189 8.45 -22.82 29.88
CA GLY D 190 10.77 -22.36 32.83
CA THR D 191 9.32 -21.03 36.05
CA ASP D 192 6.26 -19.18 34.72
CA PHE D 193 3.24 -21.10 33.44
CA THR D 194 -0.42 -20.35 32.78
CA LEU D 195 -3.57 -22.38 32.30
CA THR D 196 -6.44 -20.64 30.59
CA ILE D 197 -9.93 -22.02 30.73
CA SER D 198 -12.07 -20.06 28.34
CA ARG D 199 -15.85 -20.31 28.16
CA LEU D 200 -16.11 -21.76 31.65
CA GLU D 201 -18.57 -24.61 31.92
CA PRO D 202 -20.25 -25.81 35.06
CA GLU D 203 -18.06 -28.91 35.13
CA ASP D 204 -15.01 -26.64 35.12
CA PHE D 205 -15.45 -25.47 38.68
CA ALA D 206 -12.85 -27.37 40.63
CA VAL D 207 -9.33 -27.08 42.00
CA TYR D 208 -6.56 -27.04 39.45
CA TYR D 209 -3.08 -28.35 40.09
CA CYS D 210 0.10 -27.82 38.11
CA GLN D 211 2.77 -30.56 38.25
CA GLN D 212 6.43 -30.73 37.26
CA TYR D 213 8.00 -34.02 36.07
CA ALA D 214 11.62 -32.95 35.72
CA GLY D 215 12.85 -31.55 39.05
CA SER D 216 14.07 -34.03 41.50
CA ALA D 217 10.97 -35.54 42.62
CA TYR D 218 7.90 -34.86 40.53
CA THR D 219 6.04 -32.13 42.37
CA PHE D 220 2.62 -30.37 42.34
CA GLY D 221 1.38 -26.83 43.12
CA GLN D 222 -0.89 -25.90 46.05
CA GLY D 223 -3.70 -25.41 43.60
CA THR D 224 -6.18 -22.78 42.51
CA LYS D 225 -9.81 -23.22 43.31
CA VAL D 226 -12.03 -22.06 40.49
CA GLU D 227 -15.35 -21.49 42.16
CA ILE D 228 -18.74 -20.19 41.08
CA LYS D 229 -18.94 -16.48 41.63
CA ARG D 230 -21.80 -15.25 43.72
CA GLU E 1 10.58 57.09 1.38
CA VAL E 2 7.74 57.22 -1.06
CA GLN E 3 5.16 59.79 -0.12
CA LEU E 4 1.77 60.66 -1.55
CA VAL E 5 -0.49 63.47 -0.31
CA GLU E 6 -4.13 63.79 -1.45
CA SER E 7 -6.96 66.37 -1.38
CA GLY E 8 -10.60 67.07 -2.61
CA GLY E 9 -13.27 65.04 -0.65
CA GLY E 10 -17.03 65.59 0.30
CA VAL E 11 -20.48 63.80 0.23
CA VAL E 12 -22.81 63.27 -2.74
CA GLN E 13 -25.48 60.86 -3.99
CA PRO E 14 -25.63 59.18 -7.37
CA GLY E 15 -25.89 62.17 -9.73
CA ARG E 16 -22.94 64.35 -8.67
CA SER E 17 -19.32 65.03 -9.75
CA LEU E 18 -15.94 65.66 -7.94
CA ARG E 19 -12.12 65.88 -8.61
CA LEU E 20 -9.32 64.37 -6.48
CA SER E 21 -5.59 65.24 -6.41
CA CYS E 22 -2.51 63.23 -5.32
CA ALA E 23 1.00 64.70 -5.12
CA ALA E 24 3.87 62.21 -5.15
CA SER E 25 7.41 62.47 -3.84
CA GLY E 26 10.35 60.31 -2.88
CA PHE E 27 10.36 58.31 -6.07
CA SER E 28 10.49 58.53 -9.81
CA PHE E 29 6.82 59.16 -10.33
CA SER E 30 7.15 58.95 -14.08
CA SER E 31 8.37 55.34 -13.84
CA TYR E 32 5.36 53.79 -12.17
CA GLY E 33 1.75 53.33 -13.04
CA MET E 34 -0.58 54.87 -10.50
CA HIS E 35 -3.93 53.63 -9.33
CA TRP E 36 -6.93 54.98 -7.55
CA VAL E 37 -8.49 52.79 -4.88
CA ARG E 38 -11.20 53.63 -2.40
CA GLN E 39 -12.83 52.45 0.86
CA ALA E 40 -16.49 52.96 1.84
CA PRO E 41 -17.22 54.19 5.32
CA GLY E 42 -16.72 51.68 8.05
CA LYS E 43 -16.24 49.22 5.28
CA GLY E 44 -13.51 47.70 3.09
CA LEU E 45 -11.31 48.82 0.07
CA GLU E 46 -12.16 49.00 -3.76
CA TRP E 47 -10.27 49.64 -7.07
CA VAL E 48 -11.12 52.63 -9.29
CA ALA E 49 -8.65 53.09 -12.05
CA VAL E 50 -5.10 52.88 -13.28
CA ILE E 51 -2.88 55.20 -15.33
CA TRP E 52 0.25 54.18 -17.19
CA TYR E 53 3.50 55.72 -16.06
CA ASP E 54 3.54 57.70 -19.32
CA GLY E 55 -0.08 58.73 -19.00
CA SER E 56 -0.66 57.19 -22.43
CA LYS E 57 -2.88 54.33 -21.32
CA THR E 58 -5.68 54.29 -18.82
CA TYR E 59 -7.81 51.47 -17.44
CA TYR E 60 -10.88 51.84 -15.34
CA GLY E 61 -13.24 49.73 -13.46
CA ASP E 62 -16.10 49.04 -15.83
CA SER E 63 -18.25 50.56 -13.19
CA VAL E 64 -16.42 53.86 -13.48
CA LYS E 65 -15.51 53.64 -17.17
CA GLY E 66 -16.63 56.58 -19.30
CA ARG E 67 -17.45 58.95 -16.40
CA PHE E 68 -14.15 58.85 -14.48
CA THR E 69 -11.07 60.34 -15.99
CA ILE E 70 -7.77 59.49 -14.40
CA SER E 71 -4.93 61.73 -15.38
CA LYS E 72 -1.48 62.67 -14.23
CA ASP E 73 0.96 65.53 -14.56
CA ASN E 74 4.48 64.13 -14.74
CA SER E 75 6.15 67.48 -14.29
CA LYS E 76 4.06 68.27 -11.21
CA LYS E 77 4.31 64.69 -10.01
CA MET E 78 0.60 64.70 -9.43
CA VAL E 79 -2.18 62.29 -10.26
CA ASN E 80 -5.80 63.33 -10.55
CA LEU E 81 -9.19 61.77 -10.76
CA GLN E 82 -12.19 63.53 -12.25
CA MET E 83 -15.31 61.78 -11.03
CA ASP E 84 -18.39 62.84 -12.97
CA SER E 85 -21.96 61.52 -12.61
CA LEU E 86 -21.09 59.56 -9.45
CA GLY E 87 -22.99 56.47 -8.63
CA VAL E 88 -23.58 54.29 -5.68
CA GLU E 89 -20.62 52.10 -6.21
CA ASP E 90 -18.45 55.32 -5.81
CA THR E 91 -18.72 56.25 -2.08
CA ALA E 92 -15.45 55.80 -0.25
CA PHE E 93 -12.25 57.22 1.20
CA TYR E 94 -10.10 57.48 -1.92
CA TYR E 95 -6.46 56.57 -2.01
CA CYS E 96 -3.86 56.99 -4.66
CA ALA E 97 -1.43 54.10 -4.71
CA ARG E 98 1.82 53.20 -6.45
CA GLY E 99 1.34 50.20 -8.75
CA ILE E 100 2.75 46.71 -8.66
CA ALA E 101 1.00 44.95 -11.51
CA GLY E 102 2.21 41.67 -10.16
CA GLY E 103 3.90 38.82 -11.89
CA TRP E 104 0.58 38.44 -13.58
CA ALA E 105 -1.65 41.14 -14.93
CA PHE E 106 -3.84 43.24 -12.69
CA TRP E 107 -1.98 45.23 -10.10
CA GLY E 108 -1.40 44.86 -6.43
CA ILE E 109 -0.63 48.15 -4.57
CA ASP E 110 2.83 48.84 -3.09
CA LEU E 111 2.52 52.41 -1.62
CA TRP E 112 -0.49 54.52 -0.59
CA GLY E 113 -1.65 58.14 -0.01
CA GLN E 114 -3.36 59.27 3.21
CA GLY E 115 -6.88 59.12 1.76
CA THR E 116 -9.76 61.59 1.13
CA LEU E 117 -13.46 60.84 1.83
CA VAL E 118 -16.20 61.02 -0.87
CA THR E 119 -19.78 59.80 -0.07
CA VAL E 120 -22.25 58.22 -2.68
CA SER E 121 -23.01 54.10 -2.28
CA SER E 122 -21.03 49.89 -3.13
CA ASP E 123 -18.70 45.70 -5.31
CA VAL E 124 -17.07 41.42 -5.92
CA VAL E 125 -16.89 39.67 -2.62
CA MET E 126 -14.10 38.46 -0.37
CA THR E 127 -15.40 37.34 3.03
CA GLN E 128 -12.89 37.43 5.83
CA SER E 129 -13.34 35.65 9.13
CA PRO E 130 -13.26 36.16 12.00
CA GLY E 131 -14.35 39.77 12.04
CA THR E 132 -12.06 40.33 14.97
CA LEU E 133 -9.40 38.23 16.61
CA SER E 134 -8.24 39.06 20.09
CA LEU E 135 -4.73 37.85 20.84
CA SER E 136 -1.74 38.83 22.93
CA PRO E 137 1.77 39.31 21.73
CA GLY E 138 3.74 36.21 20.90
CA GLU E 139 0.59 34.41 19.84
CA ARG E 140 -0.39 33.19 16.39
CA ALA E 141 -3.14 34.90 14.44
CA THR E 142 -4.79 32.97 11.64
CA LEU E 143 -7.00 34.98 9.34
CA SER E 144 -9.23 33.63 6.60
CA CYS E 145 -10.56 35.09 3.34
CA ARG E 146 -13.14 33.30 1.19
CA ALA E 147 -13.99 34.75 -2.20
CA SER E 148 -17.44 34.82 -3.83
CA GLN E 149 -15.82 33.95 -7.09
CA ASN E 150 -12.58 32.09 -7.62
CA VAL E 151 -9.48 34.29 -7.68
CA TYR E 152 -6.88 31.62 -8.29
CA SER E 153 -3.68 32.57 -6.45
CA TYR E 154 -4.11 36.23 -7.23
CA LEU E 155 -4.62 37.42 -3.69
CA GLY E 156 -2.66 40.04 -1.74
CA TRP E 157 -2.88 41.08 1.92
CA TYR E 158 -2.58 44.53 3.48
CA GLN E 159 -2.16 46.01 6.97
CA HIS E 160 -4.34 48.97 7.96
CA LYS E 161 -3.99 50.99 11.14
CA PRO E 162 -7.03 52.90 12.23
CA GLY E 163 -8.18 55.59 9.81
CA ARG E 164 -4.87 55.23 8.07
CA SER E 165 -3.80 54.08 4.61
CA PRO E 166 -3.26 50.45 3.88
CA ARG E 167 0.19 48.85 3.66
CA LEU E 168 1.05 45.73 1.59
CA LEU E 169 1.93 42.49 3.45
CA ILE E 170 1.79 39.77 0.79
CA PHE E 171 1.33 39.31 -2.95
CA GLY E 172 0.29 36.21 -4.91
CA VAL E 173 -1.22 34.58 -1.82
CA THR E 174 2.25 33.40 -0.66
CA SER E 175 4.89 36.06 -1.33
CA ARG E 176 5.90 38.73 1.16
CA ALA E 177 6.25 42.41 0.24
CA THR E 178 9.59 44.04 0.82
CA GLY E 179 10.35 44.80 4.43
CA VAL E 180 7.88 42.28 5.79
CA PRO E 181 9.26 39.76 8.21
CA ASP E 182 8.95 36.00 7.81
CA ARG E 183 6.53 35.78 10.71
CA PHE E 184 3.82 36.78 8.27
CA SER E 185 2.90 33.99 5.87
CA GLY E 186 0.05 33.41 3.43
CA SER E 187 -1.36 30.42 1.58
CA GLY E 188 -4.19 29.25 -0.66
CA SER E 189 -5.42 29.28 -4.23
CA GLY E 190 -9.00 29.58 -5.43
CA THR E 191 -11.62 30.76 -2.97
CA ASP E 192 -9.95 29.81 0.33
CA PHE E 193 -6.96 31.75 1.63
CA THR E 194 -5.23 32.21 4.97
CA LEU E 195 -2.81 34.71 6.46
CA THR E 196 -0.87 33.56 9.47
CA ILE E 197 0.92 36.00 11.70
CA SER E 198 3.06 34.06 14.10
CA ARG E 199 4.81 35.58 17.11
CA LEU E 200 2.52 38.60 17.17
CA GLU E 201 4.33 41.85 17.77
CA PRO E 202 2.81 45.03 19.09
CA GLU E 203 3.03 46.63 15.65
CA ASP E 204 0.96 43.75 14.28
CA PHE E 205 -2.27 44.84 15.86
CA ALA E 206 -4.26 46.33 13.02
CA VAL E 207 -6.92 45.49 10.48
CA TYR E 208 -5.90 43.10 7.74
CA TYR E 209 -7.35 43.13 4.26
CA CYS E 210 -7.15 40.52 1.54
CA GLN E 211 -7.32 41.69 -2.10
CA GLN E 212 -7.89 39.94 -5.41
CA TYR E 213 -6.32 41.26 -8.64
CA ALA E 214 -7.87 38.89 -11.18
CA GLY E 215 -11.66 39.07 -10.90
CA SER E 216 -13.30 41.81 -12.80
CA ALA E 217 -12.45 44.70 -10.81
CA TYR E 218 -9.71 44.25 -8.25
CA THR E 219 -11.52 43.79 -4.95
CA PHE E 220 -10.76 43.72 -1.17
CA GLY E 221 -12.24 41.86 1.84
CA GLN E 222 -14.13 43.50 4.72
CA GLY E 223 -11.12 42.92 6.92
CA THR E 224 -10.19 41.26 10.16
CA LYS E 225 -9.24 43.38 13.11
CA VAL E 226 -6.41 41.87 15.09
CA GLU E 227 -6.69 43.54 18.45
CA ILE E 228 -4.92 43.24 21.77
CA LYS E 229 -6.66 40.74 23.98
CA ARG E 230 -7.73 41.95 27.36
#